data_5UMT
#
_entry.id   5UMT
#
_cell.length_a   62.249
_cell.length_b   78.068
_cell.length_c   111.178
_cell.angle_alpha   90.00
_cell.angle_beta   90.00
_cell.angle_gamma   90.00
#
_symmetry.space_group_name_H-M   'P 21 21 21'
#
loop_
_entity.id
_entity.type
_entity.pdbx_description
1 polymer 'FACT complex subunit SPT16'
2 non-polymer 1,2-ETHANEDIOL
3 non-polymer GLYCEROL
4 water water
#
_entity_poly.entity_id   1
_entity_poly.type   'polypeptide(L)'
_entity_poly.pdbx_seq_one_letter_code
;MAVTLDKDAYYRRVKRLYSNWRKGEDEYANVDAIVVSVGVDEEIVYAKSTALQTWLFGYELTDTIMVFCDDKIIFMASKK
KVEFLKQIANTKGNENANGAPAITLLIREKNESNKSSFDKMIEAIKESKNGKKIGVFSKDKFPGEFMKSWNDCLNKEGFD
KIDISAVVAYTIAVKEDGELNLMKKAASITSEVFNKFFKERVMEIVDADEKVRHSKLAESVEKAIEEKKYLAGADPSTVE
MCYPPIIQSGGNYNLKFSVVSDKNHMHFGAITCAMGIRFKSYCSNLVRTLMVDPSQEVQENYNFLLQLQEELLKELRHGV
KICDVYNAVMDVVKKQKPELLNKITKNLGFGMGIEFREGSLVINSKNQYKLKKGMVFSINLGFSDLTNKEGKKPEEKTYA
LFIGDTVLVDEDGPATVLTSVKKKVKNVGIFLKN
;
_entity_poly.pdbx_strand_id   A
#
loop_
_chem_comp.id
_chem_comp.type
_chem_comp.name
_chem_comp.formula
EDO non-polymer 1,2-ETHANEDIOL 'C2 H6 O2'
GOL non-polymer GLYCEROL 'C3 H8 O3'
#
# COMPACT_ATOMS: atom_id res chain seq x y z
N MET A 1 -21.35 7.80 -21.28
CA MET A 1 -20.22 6.90 -21.62
C MET A 1 -18.87 7.46 -21.15
N ALA A 2 -18.77 8.78 -21.06
CA ALA A 2 -17.55 9.42 -20.59
C ALA A 2 -17.29 9.06 -19.13
N VAL A 3 -16.01 9.06 -18.75
CA VAL A 3 -15.62 8.67 -17.40
C VAL A 3 -16.04 9.74 -16.41
N THR A 4 -16.74 9.33 -15.36
CA THR A 4 -17.25 10.26 -14.35
C THR A 4 -16.19 10.51 -13.28
N LEU A 5 -16.01 11.79 -12.95
CA LEU A 5 -15.08 12.22 -11.92
C LEU A 5 -15.90 12.65 -10.70
N ASP A 6 -15.57 12.10 -9.54
CA ASP A 6 -16.24 12.49 -8.29
C ASP A 6 -15.83 13.92 -7.92
N LYS A 7 -16.64 14.89 -8.32
CA LYS A 7 -16.27 16.29 -8.15
C LYS A 7 -16.19 16.67 -6.68
N ASP A 8 -17.22 16.34 -5.90
CA ASP A 8 -17.20 16.69 -4.48
C ASP A 8 -15.97 16.11 -3.79
N ALA A 9 -15.59 14.89 -4.17
CA ALA A 9 -14.41 14.27 -3.58
C ALA A 9 -13.15 15.06 -3.94
N TYR A 10 -13.04 15.52 -5.19
CA TYR A 10 -11.88 16.31 -5.56
C TYR A 10 -11.81 17.61 -4.75
N TYR A 11 -12.93 18.35 -4.70
CA TYR A 11 -12.90 19.62 -3.98
C TYR A 11 -12.58 19.40 -2.51
N ARG A 12 -13.18 18.38 -1.92
CA ARG A 12 -12.92 18.06 -0.51
C ARG A 12 -11.44 17.77 -0.29
N ARG A 13 -10.84 16.96 -1.16
CA ARG A 13 -9.49 16.47 -0.90
C ARG A 13 -8.43 17.49 -1.30
N VAL A 14 -8.67 18.29 -2.35
CA VAL A 14 -7.70 19.32 -2.71
C VAL A 14 -7.64 20.39 -1.62
N LYS A 15 -8.79 20.70 -1.02
CA LYS A 15 -8.80 21.63 0.11
C LYS A 15 -8.00 21.08 1.26
N ARG A 16 -8.15 19.78 1.52
CA ARG A 16 -7.40 19.13 2.59
C ARG A 16 -5.91 19.16 2.30
N LEU A 17 -5.52 18.94 1.05
CA LEU A 17 -4.11 19.06 0.68
C LEU A 17 -3.60 20.47 0.98
N TYR A 18 -4.36 21.48 0.61
CA TYR A 18 -3.91 22.86 0.81
C TYR A 18 -3.90 23.25 2.27
N SER A 19 -4.82 22.69 3.07
N SER A 19 -4.83 22.69 3.07
CA SER A 19 -4.84 23.00 4.50
CA SER A 19 -4.85 22.99 4.50
C SER A 19 -3.61 22.44 5.20
C SER A 19 -3.60 22.45 5.18
N ASN A 20 -3.18 21.24 4.82
CA ASN A 20 -1.98 20.65 5.40
C ASN A 20 -0.74 21.40 4.93
N TRP A 21 -0.63 21.62 3.63
CA TRP A 21 0.46 22.41 3.08
C TRP A 21 0.56 23.75 3.78
N ARG A 22 -0.58 24.42 3.94
CA ARG A 22 -0.61 25.73 4.57
C ARG A 22 -0.12 25.66 6.01
N LYS A 23 -0.44 24.57 6.71
CA LYS A 23 0.04 24.41 8.07
C LYS A 23 1.56 24.42 8.11
N GLY A 24 2.21 23.89 7.09
CA GLY A 24 3.64 24.04 6.91
C GLY A 24 4.49 23.22 7.84
N GLU A 25 4.02 22.04 8.25
CA GLU A 25 4.82 21.18 9.11
C GLU A 25 5.82 20.38 8.29
N ASP A 26 7.00 20.16 8.87
CA ASP A 26 8.06 19.31 8.29
C ASP A 26 8.38 19.82 6.88
N GLU A 27 8.37 18.95 5.87
CA GLU A 27 8.80 19.29 4.51
C GLU A 27 7.83 20.21 3.79
N TYR A 28 6.63 20.42 4.34
CA TYR A 28 5.72 21.41 3.78
C TYR A 28 6.24 22.83 3.98
N ALA A 29 7.17 23.03 4.91
CA ALA A 29 7.63 24.37 5.24
C ALA A 29 8.31 25.02 4.05
N ASN A 30 7.92 26.26 3.76
CA ASN A 30 8.59 27.09 2.76
C ASN A 30 8.47 26.52 1.36
N VAL A 31 7.53 25.61 1.12
CA VAL A 31 7.28 25.09 -0.21
C VAL A 31 6.40 26.07 -0.96
N ASP A 32 6.90 26.58 -2.09
CA ASP A 32 6.18 27.59 -2.85
C ASP A 32 5.20 26.98 -3.85
N ALA A 33 5.49 25.80 -4.37
CA ALA A 33 4.58 25.12 -5.28
C ALA A 33 4.83 23.62 -5.19
N ILE A 34 3.80 22.86 -5.48
CA ILE A 34 3.89 21.39 -5.53
C ILE A 34 3.80 20.98 -6.99
N VAL A 35 4.80 20.25 -7.46
CA VAL A 35 4.91 19.86 -8.86
C VAL A 35 4.91 18.34 -8.96
N VAL A 36 3.93 17.79 -9.67
CA VAL A 36 3.77 16.36 -9.82
C VAL A 36 3.65 16.05 -11.31
N SER A 37 4.51 15.17 -11.82
CA SER A 37 4.53 14.82 -13.23
C SER A 37 4.48 13.31 -13.39
N VAL A 38 3.58 12.83 -14.23
CA VAL A 38 3.47 11.41 -14.56
C VAL A 38 3.75 11.23 -16.04
N GLY A 39 4.75 10.42 -16.36
CA GLY A 39 5.03 10.03 -17.74
C GLY A 39 4.32 8.74 -18.08
N VAL A 40 4.97 7.91 -18.91
N VAL A 40 4.95 7.94 -18.95
CA VAL A 40 4.44 6.58 -19.19
CA VAL A 40 4.38 6.63 -19.27
C VAL A 40 4.60 5.74 -17.93
C VAL A 40 4.61 5.70 -18.08
N ASP A 41 3.53 5.09 -17.51
N ASP A 41 3.52 5.22 -17.48
CA ASP A 41 3.55 4.29 -16.29
CA ASP A 41 3.61 4.48 -16.24
C ASP A 41 3.85 2.85 -16.67
C ASP A 41 4.02 3.04 -16.51
N GLU A 42 5.14 2.50 -16.64
N GLU A 42 5.19 2.66 -16.01
CA GLU A 42 5.52 1.11 -16.84
CA GLU A 42 5.63 1.27 -16.07
C GLU A 42 5.02 0.22 -15.71
C GLU A 42 4.86 0.43 -15.06
N GLU A 43 4.51 0.83 -14.64
N GLU A 43 4.76 -0.87 -15.33
CA GLU A 43 4.04 0.09 -13.48
CA GLU A 43 3.90 -1.74 -14.54
C GLU A 43 5.20 -0.57 -12.76
C GLU A 43 4.45 -2.05 -13.15
N ILE A 44 5.01 -1.80 -12.28
N ILE A 44 5.66 -1.61 -12.82
CA ILE A 44 6.05 -2.53 -11.56
CA ILE A 44 6.46 -2.31 -11.81
C ILE A 44 6.14 -2.03 -10.12
C ILE A 44 6.09 -1.91 -10.39
N VAL A 45 6.04 -0.73 -9.91
N VAL A 45 6.06 -0.61 -10.06
CA VAL A 45 6.11 -0.16 -8.56
CA VAL A 45 6.02 -0.19 -8.66
C VAL A 45 4.98 0.84 -8.36
C VAL A 45 4.91 0.81 -8.39
N TYR A 46 4.46 0.87 -7.14
CA TYR A 46 3.51 1.88 -6.71
C TYR A 46 4.23 3.22 -6.61
N ALA A 47 3.51 4.31 -6.88
CA ALA A 47 4.15 5.62 -6.93
C ALA A 47 3.23 6.70 -6.34
N LYS A 48 3.86 7.66 -5.65
CA LYS A 48 3.12 8.77 -5.05
C LYS A 48 2.43 9.63 -6.10
N SER A 49 3.07 9.81 -7.27
CA SER A 49 2.52 10.68 -8.30
C SER A 49 1.16 10.17 -8.76
N THR A 50 1.08 8.87 -9.07
CA THR A 50 -0.18 8.30 -9.53
C THR A 50 -1.14 8.06 -8.37
N ALA A 51 -0.62 7.75 -7.18
CA ALA A 51 -1.49 7.62 -6.02
C ALA A 51 -2.21 8.94 -5.74
N LEU A 52 -1.51 10.06 -5.91
CA LEU A 52 -2.13 11.36 -5.68
C LEU A 52 -3.23 11.62 -6.69
N GLN A 53 -3.02 11.21 -7.95
CA GLN A 53 -4.07 11.34 -8.95
C GLN A 53 -5.28 10.48 -8.59
N THR A 54 -5.05 9.26 -8.14
CA THR A 54 -6.16 8.41 -7.73
C THR A 54 -6.95 9.08 -6.62
N TRP A 55 -6.25 9.66 -5.65
CA TRP A 55 -6.89 10.31 -4.53
C TRP A 55 -7.71 11.52 -4.97
N LEU A 56 -7.13 12.37 -5.83
CA LEU A 56 -7.80 13.61 -6.24
C LEU A 56 -8.87 13.36 -7.30
N PHE A 57 -8.57 12.56 -8.31
CA PHE A 57 -9.44 12.39 -9.47
C PHE A 57 -10.17 11.06 -9.50
N GLY A 58 -9.68 10.06 -8.77
CA GLY A 58 -10.20 8.71 -8.85
C GLY A 58 -9.52 7.88 -9.91
N TYR A 59 -8.68 8.49 -10.75
CA TYR A 59 -8.05 7.80 -11.86
C TYR A 59 -6.65 8.33 -12.06
N GLU A 60 -5.75 7.45 -12.49
CA GLU A 60 -4.39 7.82 -12.85
C GLU A 60 -4.39 8.36 -14.28
N LEU A 61 -3.45 9.25 -14.57
CA LEU A 61 -3.37 9.90 -15.88
C LEU A 61 -1.90 9.99 -16.28
N THR A 62 -1.51 9.27 -17.33
CA THR A 62 -0.12 9.32 -17.80
C THR A 62 0.13 10.57 -18.62
N ASP A 63 1.40 10.90 -18.77
CA ASP A 63 1.81 12.09 -19.52
C ASP A 63 0.99 13.31 -19.11
N THR A 64 0.93 13.52 -17.79
CA THR A 64 0.13 14.58 -17.20
C THR A 64 0.97 15.33 -16.19
N ILE A 65 0.86 16.66 -16.21
CA ILE A 65 1.61 17.52 -15.32
C ILE A 65 0.63 18.30 -14.44
N MET A 66 0.91 18.35 -13.15
CA MET A 66 0.06 19.02 -12.18
C MET A 66 0.91 19.96 -11.34
N VAL A 67 0.59 21.24 -11.41
CA VAL A 67 1.32 22.28 -10.68
C VAL A 67 0.33 22.95 -9.74
N PHE A 68 0.52 22.75 -8.44
CA PHE A 68 -0.30 23.37 -7.42
C PHE A 68 0.45 24.58 -6.85
N CYS A 69 -0.08 25.76 -7.08
CA CYS A 69 0.50 26.99 -6.57
C CYS A 69 -0.39 27.58 -5.47
N ASP A 70 0.11 28.65 -4.86
CA ASP A 70 -0.58 29.27 -3.74
C ASP A 70 -2.00 29.67 -4.11
N ASP A 71 -2.16 30.30 -5.27
CA ASP A 71 -3.45 30.86 -5.69
C ASP A 71 -3.95 30.29 -7.01
N LYS A 72 -3.38 29.18 -7.50
CA LYS A 72 -3.90 28.59 -8.72
C LYS A 72 -3.30 27.21 -8.94
N ILE A 73 -3.99 26.42 -9.75
CA ILE A 73 -3.58 25.07 -10.11
C ILE A 73 -3.61 24.96 -11.63
N ILE A 74 -2.60 24.31 -12.18
CA ILE A 74 -2.52 24.06 -13.62
C ILE A 74 -2.38 22.56 -13.83
N PHE A 75 -3.23 22.00 -14.70
CA PHE A 75 -3.10 20.63 -15.18
C PHE A 75 -2.84 20.68 -16.68
N MET A 76 -1.86 19.93 -17.14
CA MET A 76 -1.54 19.83 -18.56
C MET A 76 -1.57 18.37 -18.97
N ALA A 77 -2.30 18.07 -20.04
CA ALA A 77 -2.48 16.68 -20.46
C ALA A 77 -3.04 16.68 -21.88
N SER A 78 -3.25 15.48 -22.41
CA SER A 78 -3.83 15.32 -23.73
C SER A 78 -5.25 15.91 -23.77
N LYS A 79 -5.79 16.02 -24.98
CA LYS A 79 -7.12 16.58 -25.13
C LYS A 79 -8.17 15.72 -24.44
N LYS A 80 -8.01 14.39 -24.51
CA LYS A 80 -8.94 13.49 -23.85
C LYS A 80 -8.93 13.71 -22.35
N LYS A 81 -7.74 13.80 -21.75
CA LYS A 81 -7.63 13.99 -20.31
C LYS A 81 -8.10 15.38 -19.89
N VAL A 82 -7.87 16.40 -20.73
CA VAL A 82 -8.37 17.73 -20.42
C VAL A 82 -9.89 17.73 -20.42
N GLU A 83 -10.52 17.08 -21.40
CA GLU A 83 -11.97 16.97 -21.38
C GLU A 83 -12.44 16.34 -20.09
N PHE A 84 -11.73 15.32 -19.62
CA PHE A 84 -12.07 14.67 -18.36
C PHE A 84 -11.96 15.65 -17.20
N LEU A 85 -10.86 16.40 -17.13
CA LEU A 85 -10.62 17.31 -16.01
C LEU A 85 -11.52 18.54 -16.05
N LYS A 86 -12.15 18.83 -17.20
CA LYS A 86 -13.13 19.91 -17.23
C LYS A 86 -14.26 19.69 -16.25
N GLN A 87 -14.48 18.44 -15.82
CA GLN A 87 -15.52 18.17 -14.83
C GLN A 87 -15.27 18.89 -13.52
N ILE A 88 -14.00 19.15 -13.18
CA ILE A 88 -13.67 19.89 -11.98
C ILE A 88 -13.19 21.31 -12.28
N ALA A 89 -12.60 21.53 -13.46
CA ALA A 89 -12.11 22.86 -13.79
C ALA A 89 -13.26 23.83 -13.99
N ASN A 90 -14.33 23.39 -14.66
CA ASN A 90 -15.53 24.19 -14.85
C ASN A 90 -16.37 24.07 -13.58
N THR A 91 -16.25 25.08 -12.70
CA THR A 91 -16.96 25.06 -11.43
C THR A 91 -18.47 25.01 -11.60
N LYS A 92 -18.97 25.38 -12.79
CA LYS A 92 -20.42 25.44 -13.01
CA LYS A 92 -20.42 25.44 -13.01
C LYS A 92 -21.06 26.40 -12.02
N GLY A 93 -21.61 25.86 -10.94
CA GLY A 93 -22.20 26.67 -9.89
C GLY A 93 -22.08 25.97 -8.56
N ASN A 94 -21.05 25.13 -8.45
CA ASN A 94 -20.87 24.29 -7.27
C ASN A 94 -20.16 25.10 -6.19
N GLU A 95 -20.84 25.34 -5.08
CA GLU A 95 -20.25 26.05 -3.97
C GLU A 95 -19.25 25.21 -3.19
N ASN A 96 -19.17 23.91 -3.47
CA ASN A 96 -18.11 23.09 -2.90
C ASN A 96 -16.74 23.47 -3.47
N ALA A 97 -16.71 24.13 -4.63
CA ALA A 97 -15.47 24.57 -5.23
C ALA A 97 -14.97 25.89 -4.63
N ASN A 98 -15.75 26.50 -3.74
CA ASN A 98 -15.38 27.80 -3.20
CA ASN A 98 -15.39 27.80 -3.19
C ASN A 98 -14.00 27.78 -2.56
N GLY A 99 -13.70 26.74 -1.78
CA GLY A 99 -12.44 26.71 -1.05
C GLY A 99 -11.23 26.26 -1.84
N ALA A 100 -11.38 25.95 -3.13
CA ALA A 100 -10.29 25.40 -3.91
C ALA A 100 -9.74 26.42 -4.91
N PRO A 101 -8.43 26.45 -5.11
CA PRO A 101 -7.84 27.35 -6.13
C PRO A 101 -8.36 27.01 -7.52
N ALA A 102 -8.56 28.05 -8.32
CA ALA A 102 -9.08 27.86 -9.67
C ALA A 102 -8.10 27.04 -10.51
N ILE A 103 -8.65 26.19 -11.38
CA ILE A 103 -7.87 25.29 -12.23
C ILE A 103 -7.75 25.89 -13.62
N THR A 104 -6.54 25.86 -14.17
CA THR A 104 -6.30 26.16 -15.57
C THR A 104 -5.85 24.88 -16.25
N LEU A 105 -6.46 24.56 -17.39
CA LEU A 105 -6.14 23.35 -18.14
C LEU A 105 -5.37 23.73 -19.40
N LEU A 106 -4.23 23.09 -19.60
CA LEU A 106 -3.41 23.27 -20.79
C LEU A 106 -3.41 21.96 -21.58
N ILE A 107 -3.56 22.07 -22.90
CA ILE A 107 -3.66 20.90 -23.77
C ILE A 107 -2.27 20.55 -24.31
N ARG A 108 -1.85 19.32 -24.08
CA ARG A 108 -0.56 18.83 -24.56
C ARG A 108 -0.62 18.59 -26.06
N GLU A 109 0.51 18.78 -26.73
CA GLU A 109 0.62 18.58 -28.17
C GLU A 109 1.63 17.47 -28.43
N LYS A 110 1.18 16.40 -29.10
CA LYS A 110 2.11 15.38 -29.56
C LYS A 110 3.16 15.98 -30.47
N ASN A 111 2.76 16.95 -31.29
CA ASN A 111 3.65 17.64 -32.22
C ASN A 111 3.32 19.11 -32.21
N GLU A 112 4.33 19.93 -32.49
CA GLU A 112 4.18 21.38 -32.59
C GLU A 112 4.64 22.09 -31.31
N SER A 113 5.36 21.37 -30.45
CA SER A 113 6.06 21.99 -29.32
C SER A 113 5.11 22.41 -28.18
N ASN A 114 5.61 22.28 -26.96
CA ASN A 114 4.86 22.60 -25.75
C ASN A 114 5.47 23.76 -24.97
N LYS A 115 6.45 24.46 -25.57
CA LYS A 115 7.18 25.49 -24.83
C LYS A 115 6.24 26.54 -24.25
N SER A 116 5.19 26.91 -24.99
CA SER A 116 4.28 27.93 -24.51
C SER A 116 3.57 27.47 -23.24
N SER A 117 3.18 26.20 -23.19
CA SER A 117 2.49 25.68 -22.01
C SER A 117 3.46 25.53 -20.85
N PHE A 118 4.66 24.99 -21.09
CA PHE A 118 5.64 24.87 -20.03
C PHE A 118 5.93 26.23 -19.40
N ASP A 119 6.09 27.25 -20.23
CA ASP A 119 6.41 28.58 -19.69
C ASP A 119 5.30 29.10 -18.78
N LYS A 120 4.04 28.79 -19.12
CA LYS A 120 2.93 29.24 -18.27
C LYS A 120 3.01 28.60 -16.89
N MET A 121 3.39 27.32 -16.83
CA MET A 121 3.49 26.65 -15.54
C MET A 121 4.71 27.14 -14.76
N ILE A 122 5.81 27.43 -15.46
CA ILE A 122 6.99 27.95 -14.78
CA ILE A 122 6.99 27.96 -14.80
C ILE A 122 6.69 29.34 -14.21
N GLU A 123 6.06 30.20 -15.01
CA GLU A 123 5.72 31.53 -14.52
C GLU A 123 4.78 31.43 -13.32
N ALA A 124 3.86 30.47 -13.34
CA ALA A 124 2.94 30.30 -12.22
C ALA A 124 3.71 29.96 -10.94
N ILE A 125 4.70 29.07 -11.04
CA ILE A 125 5.55 28.76 -9.90
C ILE A 125 6.31 30.00 -9.45
N LYS A 126 6.89 30.74 -10.40
CA LYS A 126 7.66 31.94 -10.06
C LYS A 126 6.82 32.93 -9.27
N GLU A 127 5.54 33.02 -9.58
CA GLU A 127 4.65 34.01 -8.96
C GLU A 127 4.03 33.49 -7.67
N SER A 128 4.30 32.24 -7.28
CA SER A 128 3.69 31.62 -6.11
C SER A 128 4.58 31.88 -4.91
N LYS A 129 4.15 32.81 -4.05
CA LYS A 129 4.88 33.15 -2.83
C LYS A 129 6.33 33.50 -3.13
N ASN A 130 7.30 32.72 -2.62
CA ASN A 130 8.70 33.02 -2.87
C ASN A 130 9.14 32.58 -4.26
N GLY A 131 8.42 31.63 -4.87
CA GLY A 131 8.74 31.19 -6.22
C GLY A 131 10.11 30.57 -6.37
N LYS A 132 10.62 29.90 -5.32
CA LYS A 132 11.95 29.32 -5.35
C LYS A 132 11.99 27.83 -5.05
N LYS A 133 11.15 27.33 -4.15
CA LYS A 133 11.21 25.96 -3.69
C LYS A 133 9.95 25.21 -4.09
N ILE A 134 10.13 24.03 -4.70
CA ILE A 134 9.01 23.20 -5.12
C ILE A 134 9.05 21.87 -4.38
N GLY A 135 7.87 21.39 -4.01
CA GLY A 135 7.73 20.07 -3.42
C GLY A 135 7.52 19.03 -4.49
N VAL A 136 8.25 17.92 -4.40
CA VAL A 136 8.23 16.89 -5.42
C VAL A 136 8.22 15.52 -4.76
N PHE A 137 7.97 14.51 -5.58
CA PHE A 137 8.17 13.11 -5.23
C PHE A 137 9.42 12.70 -6.00
N SER A 138 10.58 12.90 -5.38
CA SER A 138 11.85 12.78 -6.09
C SER A 138 12.08 11.36 -6.62
N LYS A 139 11.46 10.35 -5.99
CA LYS A 139 11.62 8.98 -6.47
C LYS A 139 10.99 8.77 -7.83
N ASP A 140 9.94 9.52 -8.16
CA ASP A 140 9.12 9.26 -9.35
C ASP A 140 9.83 9.79 -10.59
N LYS A 141 10.49 8.90 -11.32
CA LYS A 141 11.16 9.25 -12.58
C LYS A 141 10.56 8.37 -13.67
N PHE A 142 9.77 8.98 -14.57
CA PHE A 142 9.08 8.24 -15.61
C PHE A 142 9.76 8.45 -16.96
N PRO A 143 9.77 7.41 -17.80
CA PRO A 143 10.32 7.55 -19.16
C PRO A 143 9.41 8.39 -20.04
N GLY A 144 9.90 8.66 -21.25
CA GLY A 144 9.12 9.37 -22.24
C GLY A 144 9.69 10.72 -22.66
N GLU A 145 9.57 11.04 -23.94
CA GLU A 145 10.09 12.31 -24.44
CA GLU A 145 10.10 12.31 -24.44
C GLU A 145 9.38 13.50 -23.82
N PHE A 146 8.07 13.37 -23.61
CA PHE A 146 7.30 14.48 -23.05
C PHE A 146 7.77 14.83 -21.65
N MET A 147 7.94 13.81 -20.80
CA MET A 147 8.44 14.05 -19.45
C MET A 147 9.85 14.61 -19.50
N LYS A 148 10.69 14.09 -20.40
CA LYS A 148 12.05 14.58 -20.52
C LYS A 148 12.05 16.06 -20.90
N SER A 149 11.17 16.46 -21.81
CA SER A 149 11.13 17.86 -22.23
C SER A 149 10.62 18.76 -21.12
N TRP A 150 9.74 18.26 -20.25
CA TRP A 150 9.22 19.07 -19.17
C TRP A 150 10.26 19.25 -18.07
N ASN A 151 10.90 18.14 -17.66
CA ASN A 151 11.92 18.23 -16.62
C ASN A 151 13.17 18.94 -17.09
N ASP A 152 13.47 18.88 -18.39
CA ASP A 152 14.58 19.69 -18.91
C ASP A 152 14.26 21.17 -18.82
N CYS A 153 13.02 21.55 -19.14
CA CYS A 153 12.61 22.94 -19.03
C CYS A 153 12.58 23.37 -17.58
N LEU A 154 12.02 22.54 -16.70
CA LEU A 154 11.90 22.88 -15.29
C LEU A 154 13.28 23.06 -14.65
N ASN A 155 14.26 22.22 -15.04
CA ASN A 155 15.57 22.24 -14.41
C ASN A 155 16.39 23.47 -14.78
N LYS A 156 16.05 24.16 -15.88
CA LYS A 156 16.77 25.37 -16.24
C LYS A 156 16.53 26.50 -15.25
N GLU A 157 15.45 26.41 -14.47
CA GLU A 157 15.13 27.44 -13.51
C GLU A 157 15.88 27.25 -12.20
N GLY A 158 16.39 26.05 -11.94
CA GLY A 158 17.16 25.81 -10.73
C GLY A 158 16.36 26.00 -9.46
N PHE A 159 15.08 25.63 -9.46
CA PHE A 159 14.31 25.67 -8.23
C PHE A 159 14.96 24.77 -7.19
N ASP A 160 14.79 25.13 -5.92
CA ASP A 160 15.12 24.21 -4.85
C ASP A 160 14.06 23.12 -4.82
N LYS A 161 14.49 21.87 -4.67
CA LYS A 161 13.58 20.73 -4.65
C LYS A 161 13.61 20.07 -3.28
N ILE A 162 12.42 19.83 -2.73
CA ILE A 162 12.28 19.11 -1.47
C ILE A 162 11.30 17.98 -1.69
N ASP A 163 11.66 16.78 -1.23
CA ASP A 163 10.78 15.64 -1.33
C ASP A 163 9.71 15.72 -0.24
N ILE A 164 8.45 15.64 -0.65
CA ILE A 164 7.31 15.79 0.25
C ILE A 164 6.53 14.48 0.36
N SER A 165 7.15 13.35 0.01
CA SER A 165 6.44 12.07 0.04
C SER A 165 5.86 11.79 1.41
N ALA A 166 6.66 12.01 2.47
CA ALA A 166 6.22 11.65 3.82
C ALA A 166 5.06 12.52 4.28
N VAL A 167 5.15 13.84 4.07
CA VAL A 167 4.07 14.70 4.56
C VAL A 167 2.79 14.47 3.78
N VAL A 168 2.88 14.18 2.49
CA VAL A 168 1.70 13.88 1.70
C VAL A 168 1.08 12.56 2.14
N ALA A 169 1.90 11.54 2.38
CA ALA A 169 1.39 10.27 2.89
C ALA A 169 0.61 10.49 4.17
N TYR A 170 1.13 11.33 5.07
CA TYR A 170 0.42 11.62 6.30
C TYR A 170 -0.84 12.43 6.02
N THR A 171 -0.77 13.33 5.04
CA THR A 171 -1.93 14.16 4.69
C THR A 171 -3.14 13.31 4.31
N ILE A 172 -2.92 12.23 3.56
CA ILE A 172 -4.02 11.43 3.03
C ILE A 172 -4.28 10.17 3.84
N ALA A 173 -3.49 9.93 4.90
CA ALA A 173 -3.55 8.65 5.62
C ALA A 173 -4.93 8.38 6.20
N VAL A 174 -5.52 9.36 6.90
CA VAL A 174 -6.84 9.14 7.49
C VAL A 174 -7.86 8.94 6.37
N LYS A 175 -8.58 7.81 6.42
CA LYS A 175 -9.50 7.43 5.36
C LYS A 175 -10.90 8.00 5.59
N GLU A 176 -11.49 8.54 4.54
CA GLU A 176 -12.90 8.89 4.57
C GLU A 176 -13.75 7.63 4.69
N ASP A 177 -15.02 7.81 5.07
CA ASP A 177 -15.90 6.66 5.24
C ASP A 177 -16.04 5.89 3.93
N GLY A 178 -16.12 6.61 2.81
CA GLY A 178 -16.22 5.93 1.52
C GLY A 178 -14.97 5.13 1.20
N GLU A 179 -13.81 5.66 1.56
CA GLU A 179 -12.56 4.92 1.37
C GLU A 179 -12.52 3.69 2.27
N LEU A 180 -13.00 3.82 3.51
CA LEU A 180 -12.99 2.69 4.43
C LEU A 180 -13.87 1.56 3.91
N ASN A 181 -15.00 1.91 3.29
CA ASN A 181 -15.88 0.88 2.74
C ASN A 181 -15.16 0.11 1.63
N LEU A 182 -14.35 0.81 0.84
CA LEU A 182 -13.60 0.13 -0.23
C LEU A 182 -12.54 -0.79 0.35
N MET A 183 -11.84 -0.34 1.40
CA MET A 183 -10.81 -1.17 2.00
C MET A 183 -11.40 -2.33 2.76
N LYS A 184 -12.58 -2.13 3.37
CA LYS A 184 -13.27 -3.22 4.04
C LYS A 184 -13.65 -4.31 3.05
N LYS A 185 -14.14 -3.92 1.87
CA LYS A 185 -14.48 -4.92 0.87
CA LYS A 185 -14.48 -4.91 0.85
C LYS A 185 -13.23 -5.60 0.32
N ALA A 186 -12.16 -4.84 0.09
CA ALA A 186 -10.91 -5.44 -0.36
C ALA A 186 -10.47 -6.51 0.63
N ALA A 187 -10.51 -6.19 1.93
CA ALA A 187 -10.11 -7.14 2.95
C ALA A 187 -11.03 -8.35 2.97
N SER A 188 -12.33 -8.14 2.74
CA SER A 188 -13.27 -9.25 2.71
C SER A 188 -13.04 -10.17 1.51
N ILE A 189 -12.69 -9.58 0.35
CA ILE A 189 -12.40 -10.39 -0.83
C ILE A 189 -11.14 -11.20 -0.62
N THR A 190 -10.10 -10.59 -0.06
CA THR A 190 -8.89 -11.34 0.25
C THR A 190 -9.19 -12.52 1.14
N SER A 191 -10.04 -12.30 2.16
CA SER A 191 -10.40 -13.37 3.08
C SER A 191 -11.19 -14.45 2.37
N GLU A 192 -12.12 -14.07 1.50
CA GLU A 192 -12.91 -15.06 0.77
C GLU A 192 -12.01 -15.92 -0.12
N VAL A 193 -11.10 -15.28 -0.85
CA VAL A 193 -10.18 -16.03 -1.72
C VAL A 193 -9.38 -17.03 -0.89
N PHE A 194 -8.86 -16.59 0.26
CA PHE A 194 -8.05 -17.47 1.09
C PHE A 194 -8.90 -18.59 1.68
N ASN A 195 -10.05 -18.23 2.27
CA ASN A 195 -10.90 -19.22 2.92
C ASN A 195 -11.45 -20.24 1.93
N LYS A 196 -11.85 -19.79 0.73
CA LYS A 196 -12.58 -20.65 -0.19
C LYS A 196 -11.69 -21.32 -1.22
N PHE A 197 -10.57 -20.72 -1.58
CA PHE A 197 -9.68 -21.32 -2.57
C PHE A 197 -8.31 -21.64 -2.00
N PHE A 198 -7.57 -20.64 -1.52
CA PHE A 198 -6.16 -20.83 -1.16
C PHE A 198 -5.99 -21.97 -0.16
N LYS A 199 -6.62 -21.87 1.01
CA LYS A 199 -6.40 -22.87 2.05
C LYS A 199 -6.84 -24.25 1.58
N GLU A 200 -7.99 -24.33 0.88
CA GLU A 200 -8.47 -25.61 0.41
C GLU A 200 -7.47 -26.24 -0.57
N ARG A 201 -6.91 -25.44 -1.46
N ARG A 201 -6.91 -25.43 -1.47
CA ARG A 201 -5.97 -25.98 -2.44
CA ARG A 201 -5.96 -25.95 -2.44
C ARG A 201 -4.73 -26.55 -1.75
C ARG A 201 -4.75 -26.56 -1.73
N VAL A 202 -4.19 -25.84 -0.76
CA VAL A 202 -3.03 -26.34 -0.03
C VAL A 202 -3.33 -27.66 0.64
N MET A 203 -4.51 -27.75 1.26
CA MET A 203 -4.90 -28.98 1.95
C MET A 203 -5.07 -30.12 0.95
N GLU A 204 -5.59 -29.83 -0.24
CA GLU A 204 -5.72 -30.87 -1.25
C GLU A 204 -4.36 -31.38 -1.70
N ILE A 205 -3.41 -30.45 -1.88
CA ILE A 205 -2.06 -30.83 -2.29
C ILE A 205 -1.43 -31.77 -1.26
N VAL A 206 -1.50 -31.39 0.02
CA VAL A 206 -0.94 -32.22 1.09
C VAL A 206 -1.64 -33.57 1.15
N ASP A 207 -2.98 -33.56 1.08
CA ASP A 207 -3.73 -34.80 1.22
C ASP A 207 -3.44 -35.76 0.07
N ALA A 208 -3.17 -35.24 -1.12
CA ALA A 208 -2.86 -36.05 -2.28
C ALA A 208 -1.37 -36.33 -2.42
N ASP A 209 -0.54 -35.72 -1.58
CA ASP A 209 0.91 -35.91 -1.64
C ASP A 209 1.46 -35.42 -2.98
N GLU A 210 0.96 -34.28 -3.44
CA GLU A 210 1.35 -33.73 -4.73
C GLU A 210 2.61 -32.89 -4.61
N LYS A 211 3.39 -32.86 -5.69
CA LYS A 211 4.54 -31.98 -5.81
C LYS A 211 4.12 -30.78 -6.63
N VAL A 212 3.99 -29.63 -5.97
CA VAL A 212 3.56 -28.40 -6.63
C VAL A 212 4.57 -27.30 -6.31
N ARG A 213 5.09 -26.65 -7.35
CA ARG A 213 6.00 -25.53 -7.16
C ARG A 213 5.25 -24.33 -6.60
N HIS A 214 5.92 -23.59 -5.71
CA HIS A 214 5.30 -22.39 -5.14
C HIS A 214 4.81 -21.45 -6.22
N SER A 215 5.58 -21.34 -7.31
CA SER A 215 5.21 -20.46 -8.42
C SER A 215 3.91 -20.91 -9.06
N LYS A 216 3.71 -22.22 -9.21
CA LYS A 216 2.49 -22.75 -9.81
C LYS A 216 1.29 -22.49 -8.91
N LEU A 217 1.45 -22.73 -7.60
CA LEU A 217 0.38 -22.45 -6.66
C LEU A 217 0.02 -20.97 -6.67
N ALA A 218 1.02 -20.10 -6.76
CA ALA A 218 0.76 -18.67 -6.84
C ALA A 218 -0.04 -18.33 -8.08
N GLU A 219 0.31 -18.94 -9.22
CA GLU A 219 -0.42 -18.70 -10.45
C GLU A 219 -1.88 -19.13 -10.30
N SER A 220 -2.12 -20.24 -9.60
CA SER A 220 -3.49 -20.71 -9.40
C SER A 220 -4.31 -19.73 -8.57
N VAL A 221 -3.69 -19.10 -7.57
CA VAL A 221 -4.39 -18.09 -6.78
C VAL A 221 -4.72 -16.90 -7.65
N GLU A 222 -3.80 -16.52 -8.54
CA GLU A 222 -4.06 -15.42 -9.47
C GLU A 222 -5.22 -15.76 -10.40
N LYS A 223 -5.26 -17.00 -10.90
CA LYS A 223 -6.38 -17.42 -11.74
C LYS A 223 -7.70 -17.41 -10.98
N ALA A 224 -7.65 -17.68 -9.67
CA ALA A 224 -8.86 -17.80 -8.88
C ALA A 224 -9.63 -16.48 -8.81
N ILE A 225 -8.93 -15.34 -8.79
CA ILE A 225 -9.61 -14.06 -8.65
C ILE A 225 -10.30 -13.62 -9.93
N GLU A 226 -10.23 -14.44 -10.99
CA GLU A 226 -11.01 -14.21 -12.18
C GLU A 226 -12.40 -14.81 -12.10
N GLU A 227 -12.69 -15.57 -11.04
CA GLU A 227 -13.95 -16.29 -10.91
C GLU A 227 -14.80 -15.64 -9.83
N LYS A 228 -16.05 -15.33 -10.19
CA LYS A 228 -16.97 -14.64 -9.29
C LYS A 228 -17.19 -15.40 -8.00
N LYS A 229 -17.16 -16.73 -8.03
CA LYS A 229 -17.48 -17.51 -6.84
C LYS A 229 -16.51 -17.25 -5.70
N TYR A 230 -15.34 -16.68 -5.97
CA TYR A 230 -14.35 -16.41 -4.93
C TYR A 230 -14.28 -14.95 -4.53
N LEU A 231 -15.08 -14.07 -5.13
CA LEU A 231 -14.94 -12.63 -4.95
C LEU A 231 -16.01 -12.03 -4.04
N ALA A 232 -16.77 -12.87 -3.35
CA ALA A 232 -17.73 -12.40 -2.34
C ALA A 232 -18.66 -11.32 -2.87
N GLY A 233 -19.16 -11.50 -4.10
CA GLY A 233 -20.10 -10.60 -4.69
C GLY A 233 -19.49 -9.51 -5.56
N ALA A 234 -18.18 -9.31 -5.47
CA ALA A 234 -17.53 -8.30 -6.28
C ALA A 234 -17.36 -8.80 -7.71
N ASP A 235 -17.27 -7.84 -8.64
CA ASP A 235 -17.09 -8.17 -10.04
C ASP A 235 -15.61 -8.34 -10.36
N PRO A 236 -15.24 -9.38 -11.12
CA PRO A 236 -13.82 -9.60 -11.42
C PRO A 236 -13.12 -8.39 -12.02
N SER A 237 -13.85 -7.48 -12.68
CA SER A 237 -13.20 -6.33 -13.30
C SER A 237 -12.78 -5.26 -12.29
N THR A 238 -13.15 -5.41 -11.02
CA THR A 238 -12.83 -4.42 -9.99
C THR A 238 -11.70 -4.86 -9.08
N VAL A 239 -11.12 -6.04 -9.29
CA VAL A 239 -10.11 -6.58 -8.38
C VAL A 239 -8.82 -6.87 -9.14
N GLU A 240 -7.70 -6.67 -8.44
CA GLU A 240 -6.40 -7.10 -8.91
C GLU A 240 -5.58 -7.49 -7.69
N MET A 241 -4.46 -8.15 -7.92
CA MET A 241 -3.56 -8.51 -6.81
C MET A 241 -2.71 -7.30 -6.45
N CYS A 242 -2.50 -7.10 -5.15
CA CYS A 242 -1.57 -6.06 -4.71
C CYS A 242 -0.14 -6.40 -5.10
N TYR A 243 0.16 -7.69 -5.17
CA TYR A 243 1.46 -8.23 -5.53
C TYR A 243 1.24 -9.71 -5.83
N PRO A 244 2.13 -10.35 -6.57
CA PRO A 244 1.95 -11.79 -6.85
C PRO A 244 1.98 -12.58 -5.55
N PRO A 245 0.99 -13.44 -5.34
CA PRO A 245 0.93 -14.21 -4.08
C PRO A 245 2.26 -14.87 -3.75
N ILE A 246 2.61 -14.89 -2.46
CA ILE A 246 3.91 -15.38 -1.99
C ILE A 246 3.67 -16.61 -1.11
N ILE A 247 4.14 -17.76 -1.58
CA ILE A 247 4.14 -18.98 -0.78
C ILE A 247 5.59 -19.43 -0.61
N GLN A 248 5.97 -19.71 0.64
CA GLN A 248 7.32 -20.17 0.97
C GLN A 248 7.22 -21.32 1.95
N SER A 249 8.22 -22.20 1.91
CA SER A 249 8.28 -23.35 2.82
C SER A 249 9.63 -24.04 2.65
N GLY A 250 9.79 -25.13 3.40
CA GLY A 250 10.95 -26.01 3.23
C GLY A 250 12.27 -25.38 3.57
N GLY A 251 12.29 -24.47 4.54
CA GLY A 251 13.52 -23.84 4.98
C GLY A 251 13.94 -22.64 4.16
N ASN A 252 13.21 -22.28 3.12
CA ASN A 252 13.54 -21.15 2.25
C ASN A 252 12.48 -20.06 2.44
N TYR A 253 12.72 -19.16 3.40
CA TYR A 253 11.77 -18.11 3.74
C TYR A 253 12.42 -16.74 3.61
N ASN A 254 11.55 -15.75 3.39
CA ASN A 254 11.95 -14.34 3.39
C ASN A 254 10.66 -13.57 3.67
N LEU A 255 10.49 -13.12 4.91
CA LEU A 255 9.20 -12.62 5.40
C LEU A 255 9.04 -11.16 5.00
N LYS A 256 8.73 -10.95 3.72
CA LYS A 256 8.47 -9.62 3.18
C LYS A 256 7.58 -9.80 1.95
N PHE A 257 7.15 -8.68 1.37
CA PHE A 257 6.17 -8.71 0.29
C PHE A 257 6.77 -8.30 -1.05
N SER A 258 8.08 -8.06 -1.11
CA SER A 258 8.74 -7.62 -2.33
C SER A 258 9.54 -8.73 -2.99
N VAL A 259 9.18 -10.00 -2.72
CA VAL A 259 9.74 -11.14 -3.41
C VAL A 259 8.61 -11.95 -4.00
N VAL A 260 8.93 -12.72 -5.03
CA VAL A 260 7.94 -13.59 -5.68
C VAL A 260 8.13 -15.02 -5.18
N SER A 261 7.13 -15.85 -5.42
CA SER A 261 7.23 -17.26 -5.09
C SER A 261 8.29 -17.93 -5.96
N ASP A 262 9.09 -18.78 -5.34
CA ASP A 262 10.17 -19.46 -6.06
C ASP A 262 9.64 -20.71 -6.75
N LYS A 263 10.55 -21.42 -7.43
CA LYS A 263 10.20 -22.59 -8.22
C LYS A 263 10.26 -23.88 -7.43
N ASN A 264 10.58 -23.84 -6.14
CA ASN A 264 10.71 -25.05 -5.36
C ASN A 264 9.36 -25.71 -5.10
N HIS A 265 9.38 -27.03 -5.01
CA HIS A 265 8.18 -27.77 -4.63
C HIS A 265 7.82 -27.46 -3.19
N MET A 266 6.52 -27.29 -2.94
CA MET A 266 6.06 -26.95 -1.60
C MET A 266 6.34 -28.11 -0.64
N HIS A 267 7.04 -27.81 0.46
CA HIS A 267 7.29 -28.77 1.52
C HIS A 267 6.17 -28.73 2.56
N PHE A 268 5.81 -29.90 3.07
CA PHE A 268 4.68 -30.03 3.99
C PHE A 268 5.15 -29.85 5.44
N GLY A 269 5.43 -28.60 5.76
CA GLY A 269 5.84 -28.24 7.11
C GLY A 269 5.23 -26.94 7.57
N ALA A 270 5.97 -25.84 7.44
CA ALA A 270 5.49 -24.50 7.74
C ALA A 270 5.40 -23.73 6.43
N ILE A 271 4.18 -23.45 5.98
CA ILE A 271 3.92 -22.86 4.68
C ILE A 271 3.39 -21.45 4.91
N THR A 272 4.25 -20.45 4.70
CA THR A 272 3.83 -19.06 4.82
C THR A 272 3.13 -18.62 3.54
N CYS A 273 1.95 -18.01 3.67
CA CYS A 273 1.11 -17.63 2.54
C CYS A 273 0.72 -16.17 2.69
N ALA A 274 1.12 -15.34 1.73
CA ALA A 274 0.83 -13.91 1.74
C ALA A 274 0.10 -13.54 0.47
N MET A 275 -1.02 -12.84 0.60
CA MET A 275 -1.75 -12.34 -0.55
C MET A 275 -2.57 -11.12 -0.14
N GLY A 276 -2.87 -10.29 -1.12
CA GLY A 276 -3.71 -9.13 -0.92
C GLY A 276 -4.44 -8.73 -2.17
N ILE A 277 -5.72 -8.39 -2.04
CA ILE A 277 -6.54 -7.93 -3.16
C ILE A 277 -6.59 -6.41 -3.11
N ARG A 278 -6.46 -5.79 -4.28
CA ARG A 278 -6.70 -4.38 -4.46
C ARG A 278 -8.06 -4.22 -5.12
N PHE A 279 -8.99 -3.59 -4.42
CA PHE A 279 -10.37 -3.41 -4.88
C PHE A 279 -10.60 -1.94 -5.20
N LYS A 280 -10.96 -1.66 -6.45
CA LYS A 280 -11.17 -0.30 -6.91
C LYS A 280 -10.05 0.62 -6.42
N SER A 281 -8.81 0.15 -6.58
CA SER A 281 -7.59 0.92 -6.33
C SER A 281 -7.16 0.93 -4.85
N TYR A 282 -7.90 0.31 -3.94
CA TYR A 282 -7.53 0.29 -2.53
C TYR A 282 -7.06 -1.10 -2.12
N CYS A 283 -5.93 -1.15 -1.42
CA CYS A 283 -5.22 -2.38 -1.11
C CYS A 283 -5.73 -3.01 0.19
N SER A 284 -5.49 -4.31 0.31
CA SER A 284 -5.66 -5.07 1.54
C SER A 284 -4.50 -6.04 1.63
N ASN A 285 -4.39 -6.74 2.76
CA ASN A 285 -3.28 -7.65 2.92
C ASN A 285 -3.60 -8.70 3.97
N LEU A 286 -3.06 -9.89 3.75
CA LEU A 286 -3.30 -11.04 4.61
C LEU A 286 -2.08 -11.94 4.56
N VAL A 287 -1.66 -12.43 5.73
CA VAL A 287 -0.60 -13.44 5.82
C VAL A 287 -1.04 -14.51 6.80
N ARG A 288 -0.97 -15.76 6.37
CA ARG A 288 -1.25 -16.89 7.24
C ARG A 288 -0.17 -17.95 7.01
N THR A 289 0.25 -18.59 8.09
CA THR A 289 1.14 -19.74 8.00
C THR A 289 0.30 -20.99 8.24
N LEU A 290 0.35 -21.92 7.30
CA LEU A 290 -0.29 -23.22 7.43
C LEU A 290 0.76 -24.22 7.89
N MET A 291 0.45 -24.94 8.97
CA MET A 291 1.41 -25.82 9.61
C MET A 291 0.92 -27.27 9.53
N VAL A 292 1.71 -28.13 8.91
CA VAL A 292 1.37 -29.54 8.76
C VAL A 292 1.75 -30.27 10.03
N ASP A 293 0.76 -30.86 10.71
CA ASP A 293 0.93 -31.66 11.92
C ASP A 293 1.95 -31.01 12.86
N PRO A 294 1.68 -29.78 13.30
CA PRO A 294 2.68 -29.02 14.07
C PRO A 294 2.97 -29.65 15.42
N SER A 295 4.24 -29.67 15.79
CA SER A 295 4.66 -30.19 17.08
C SER A 295 4.30 -29.22 18.19
N GLN A 296 4.56 -29.64 19.44
CA GLN A 296 4.29 -28.77 20.58
C GLN A 296 5.12 -27.51 20.53
N GLU A 297 6.39 -27.64 20.14
CA GLU A 297 7.28 -26.48 20.06
CA GLU A 297 7.27 -26.48 20.07
C GLU A 297 6.79 -25.49 19.01
N VAL A 298 6.38 -25.99 17.85
CA VAL A 298 5.88 -25.10 16.81
C VAL A 298 4.61 -24.39 17.29
N GLN A 299 3.70 -25.14 17.91
CA GLN A 299 2.44 -24.53 18.35
C GLN A 299 2.70 -23.48 19.42
N GLU A 300 3.67 -23.73 20.30
CA GLU A 300 3.96 -22.75 21.35
C GLU A 300 4.50 -21.45 20.77
N ASN A 301 5.40 -21.54 19.78
CA ASN A 301 5.91 -20.32 19.14
C ASN A 301 4.81 -19.62 18.35
N TYR A 302 3.98 -20.38 17.64
CA TYR A 302 2.90 -19.79 16.86
C TYR A 302 1.89 -19.09 17.75
N ASN A 303 1.50 -19.73 18.85
CA ASN A 303 0.54 -19.10 19.76
C ASN A 303 1.13 -17.88 20.44
N PHE A 304 2.46 -17.85 20.63
CA PHE A 304 3.09 -16.65 21.14
C PHE A 304 3.06 -15.54 20.08
N LEU A 305 3.20 -15.91 18.82
CA LEU A 305 3.08 -14.94 17.74
C LEU A 305 1.70 -14.32 17.72
N LEU A 306 0.66 -15.15 17.91
CA LEU A 306 -0.70 -14.61 18.00
C LEU A 306 -0.83 -13.68 19.19
N GLN A 307 -0.19 -14.03 20.31
CA GLN A 307 -0.22 -13.18 21.48
C GLN A 307 0.42 -11.83 21.19
N LEU A 308 1.55 -11.82 20.47
CA LEU A 308 2.20 -10.57 20.13
C LEU A 308 1.30 -9.71 19.26
N GLN A 309 0.64 -10.30 18.26
CA GLN A 309 -0.23 -9.52 17.40
C GLN A 309 -1.38 -8.92 18.20
N GLU A 310 -1.91 -9.67 19.16
CA GLU A 310 -2.99 -9.15 20.01
C GLU A 310 -2.52 -7.94 20.81
N GLU A 311 -1.27 -7.98 21.31
CA GLU A 311 -0.75 -6.83 22.03
C GLU A 311 -0.55 -5.65 21.10
N LEU A 312 -0.10 -5.91 19.87
CA LEU A 312 0.06 -4.84 18.90
C LEU A 312 -1.27 -4.16 18.62
N LEU A 313 -2.32 -4.96 18.39
CA LEU A 313 -3.65 -4.40 18.16
C LEU A 313 -4.08 -3.51 19.32
N LYS A 314 -3.74 -3.91 20.54
CA LYS A 314 -4.17 -3.16 21.71
C LYS A 314 -3.47 -1.80 21.79
N GLU A 315 -2.23 -1.71 21.30
CA GLU A 315 -1.44 -0.49 21.40
C GLU A 315 -1.59 0.42 20.18
N LEU A 316 -2.10 -0.11 19.07
CA LEU A 316 -2.22 0.62 17.81
C LEU A 316 -3.48 1.47 17.84
N ARG A 317 -3.40 2.62 18.49
CA ARG A 317 -4.57 3.49 18.65
C ARG A 317 -4.18 4.96 18.44
N HIS A 318 -5.22 5.77 18.24
CA HIS A 318 -5.06 7.20 17.96
C HIS A 318 -4.17 7.88 19.00
N GLY A 319 -3.25 8.70 18.50
CA GLY A 319 -2.41 9.53 19.33
C GLY A 319 -1.08 8.92 19.72
N VAL A 320 -0.88 7.64 19.48
CA VAL A 320 0.32 6.94 19.89
C VAL A 320 1.36 7.03 18.78
N LYS A 321 2.61 7.25 19.18
CA LYS A 321 3.71 7.24 18.23
C LYS A 321 3.98 5.81 17.76
N ILE A 322 4.24 5.67 16.46
CA ILE A 322 4.43 4.34 15.88
C ILE A 322 5.59 3.61 16.57
N CYS A 323 6.67 4.32 16.86
CA CYS A 323 7.81 3.67 17.50
C CYS A 323 7.48 3.22 18.92
N ASP A 324 6.48 3.84 19.55
CA ASP A 324 6.04 3.39 20.88
C ASP A 324 5.25 2.09 20.79
N VAL A 325 4.49 1.91 19.71
CA VAL A 325 3.83 0.61 19.50
C VAL A 325 4.88 -0.47 19.30
N TYR A 326 5.88 -0.17 18.48
CA TYR A 326 6.94 -1.14 18.21
C TYR A 326 7.64 -1.56 19.50
N ASN A 327 8.02 -0.58 20.34
CA ASN A 327 8.73 -0.89 21.58
C ASN A 327 7.86 -1.70 22.53
N ALA A 328 6.55 -1.42 22.56
CA ALA A 328 5.66 -2.17 23.44
C ALA A 328 5.64 -3.64 23.07
N VAL A 329 5.67 -3.95 21.77
CA VAL A 329 5.65 -5.35 21.33
C VAL A 329 6.99 -6.01 21.63
N MET A 330 8.10 -5.32 21.32
CA MET A 330 9.41 -5.90 21.56
C MET A 330 9.67 -6.12 23.03
N ASP A 331 9.05 -5.31 23.90
CA ASP A 331 9.20 -5.50 25.34
C ASP A 331 8.59 -6.82 25.80
N VAL A 332 7.50 -7.25 25.16
CA VAL A 332 6.92 -8.55 25.49
C VAL A 332 7.87 -9.66 25.10
N VAL A 333 8.48 -9.56 23.92
CA VAL A 333 9.43 -10.57 23.48
C VAL A 333 10.60 -10.63 24.45
N LYS A 334 11.15 -9.47 24.80
CA LYS A 334 12.28 -9.42 25.73
C LYS A 334 11.90 -10.06 27.07
N LYS A 335 10.68 -9.82 27.53
CA LYS A 335 10.25 -10.24 28.85
C LYS A 335 9.89 -11.72 28.88
N GLN A 336 9.30 -12.25 27.80
CA GLN A 336 8.77 -13.60 27.79
C GLN A 336 9.59 -14.58 26.97
N LYS A 337 10.09 -14.18 25.80
CA LYS A 337 10.86 -15.08 24.93
C LYS A 337 12.09 -14.34 24.41
N PRO A 338 13.04 -14.02 25.30
CA PRO A 338 14.27 -13.33 24.86
C PRO A 338 14.95 -14.01 23.69
N GLU A 339 14.85 -15.34 23.60
CA GLU A 339 15.53 -16.09 22.55
C GLU A 339 14.97 -15.82 21.16
N LEU A 340 13.82 -15.16 21.06
CA LEU A 340 13.20 -14.84 19.78
C LEU A 340 13.50 -13.42 19.32
N LEU A 341 14.26 -12.66 20.10
CA LEU A 341 14.55 -11.27 19.75
C LEU A 341 15.25 -11.18 18.40
N ASN A 342 16.24 -12.03 18.16
CA ASN A 342 16.97 -12.00 16.90
CA ASN A 342 16.97 -12.00 16.90
C ASN A 342 16.25 -12.76 15.79
N LYS A 343 15.06 -13.30 16.07
CA LYS A 343 14.29 -14.04 15.09
C LYS A 343 13.11 -13.24 14.55
N ILE A 344 12.67 -12.19 15.26
CA ILE A 344 11.44 -11.50 14.91
C ILE A 344 11.69 -10.50 13.79
N THR A 345 10.69 -10.34 12.92
CA THR A 345 10.76 -9.35 11.86
C THR A 345 11.04 -7.96 12.45
N LYS A 346 11.96 -7.23 11.83
CA LYS A 346 12.32 -5.90 12.29
C LYS A 346 11.20 -4.89 12.09
N ASN A 347 10.30 -5.15 11.14
CA ASN A 347 9.12 -4.32 10.90
C ASN A 347 7.88 -5.11 11.30
N LEU A 348 6.90 -4.41 11.87
CA LEU A 348 5.68 -5.05 12.36
C LEU A 348 4.44 -4.62 11.58
N GLY A 349 4.61 -3.98 10.43
CA GLY A 349 3.47 -3.59 9.62
C GLY A 349 3.70 -2.24 9.00
N PHE A 350 2.68 -1.73 8.32
CA PHE A 350 2.84 -0.47 7.60
C PHE A 350 1.48 0.08 7.23
N GLY A 351 1.43 1.40 7.08
CA GLY A 351 0.24 2.05 6.56
C GLY A 351 -0.06 1.58 5.14
N MET A 352 -1.36 1.44 4.85
CA MET A 352 -1.82 0.86 3.60
C MET A 352 -3.06 1.59 3.13
N GLY A 353 -3.12 1.88 1.83
CA GLY A 353 -4.26 2.56 1.25
C GLY A 353 -4.33 2.42 -0.26
N ILE A 354 -4.30 3.54 -0.98
CA ILE A 354 -4.16 3.47 -2.44
C ILE A 354 -2.85 2.79 -2.80
N GLU A 355 -1.78 3.14 -2.09
CA GLU A 355 -0.50 2.46 -2.22
C GLU A 355 -0.42 1.32 -1.21
N PHE A 356 0.20 0.21 -1.63
CA PHE A 356 0.22 -0.98 -0.79
C PHE A 356 0.98 -0.74 0.52
N ARG A 357 2.15 -0.10 0.43
CA ARG A 357 3.03 0.04 1.58
C ARG A 357 3.56 1.46 1.65
N GLU A 358 3.12 2.22 2.64
CA GLU A 358 3.60 3.59 2.84
C GLU A 358 4.93 3.55 3.59
N GLY A 359 6.02 3.83 2.86
CA GLY A 359 7.34 3.71 3.44
C GLY A 359 7.56 4.58 4.65
N SER A 360 6.82 5.68 4.77
CA SER A 360 6.97 6.58 5.89
C SER A 360 6.09 6.20 7.08
N LEU A 361 5.27 5.16 6.92
CA LEU A 361 4.36 4.70 7.96
C LEU A 361 4.63 3.25 8.31
N VAL A 362 5.91 2.85 8.28
CA VAL A 362 6.29 1.49 8.66
C VAL A 362 6.43 1.42 10.18
N ILE A 363 5.91 0.33 10.76
CA ILE A 363 6.00 0.14 12.21
C ILE A 363 7.39 -0.38 12.55
N ASN A 364 8.30 0.53 12.90
CA ASN A 364 9.66 0.19 13.27
C ASN A 364 10.07 1.05 14.46
N SER A 365 11.33 0.90 14.88
CA SER A 365 11.83 1.56 16.08
C SER A 365 12.08 3.05 15.86
N LYS A 366 12.17 3.51 14.62
CA LYS A 366 12.52 4.88 14.32
CA LYS A 366 12.52 4.89 14.32
C LYS A 366 11.31 5.79 14.11
N ASN A 367 10.23 5.24 13.57
CA ASN A 367 9.10 6.06 13.13
C ASN A 367 8.49 6.89 14.25
N GLN A 368 8.53 8.22 14.07
CA GLN A 368 8.03 9.18 15.04
C GLN A 368 6.60 9.62 14.77
N TYR A 369 6.03 9.27 13.62
CA TYR A 369 4.68 9.71 13.30
C TYR A 369 3.67 9.13 14.29
N LYS A 370 2.64 9.91 14.59
CA LYS A 370 1.57 9.50 15.50
C LYS A 370 0.40 8.91 14.72
N LEU A 371 -0.17 7.83 15.26
CA LEU A 371 -1.32 7.20 14.64
C LEU A 371 -2.57 8.05 14.79
N LYS A 372 -3.51 7.87 13.86
CA LYS A 372 -4.79 8.57 13.91
C LYS A 372 -5.92 7.61 13.59
N LYS A 373 -7.03 7.74 14.31
CA LYS A 373 -8.25 7.02 13.95
C LYS A 373 -8.57 7.25 12.48
N GLY A 374 -8.93 6.18 11.78
CA GLY A 374 -9.23 6.24 10.37
C GLY A 374 -8.11 5.76 9.49
N MET A 375 -6.90 5.61 10.04
CA MET A 375 -5.81 5.02 9.32
C MET A 375 -5.99 3.50 9.27
N VAL A 376 -5.50 2.91 8.20
CA VAL A 376 -5.59 1.48 7.97
C VAL A 376 -4.17 0.97 7.81
N PHE A 377 -3.87 -0.13 8.47
CA PHE A 377 -2.54 -0.70 8.48
C PHE A 377 -2.61 -2.17 8.13
N SER A 378 -1.56 -2.63 7.46
CA SER A 378 -1.24 -4.04 7.44
C SER A 378 -0.34 -4.29 8.64
N ILE A 379 -0.77 -5.14 9.55
CA ILE A 379 0.00 -5.51 10.73
CA ILE A 379 0.03 -5.49 10.71
C ILE A 379 0.53 -6.92 10.50
N ASN A 380 1.85 -7.07 10.39
N ASN A 380 1.86 -7.04 10.41
CA ASN A 380 2.45 -8.35 10.09
CA ASN A 380 2.51 -8.29 10.10
C ASN A 380 3.66 -8.60 10.98
C ASN A 380 3.60 -8.54 11.13
N LEU A 381 3.66 -9.75 11.65
CA LEU A 381 4.72 -10.16 12.56
C LEU A 381 5.14 -11.57 12.21
N GLY A 382 6.44 -11.85 12.33
CA GLY A 382 6.94 -13.17 12.01
C GLY A 382 8.21 -13.51 12.77
N PHE A 383 8.47 -14.82 12.83
CA PHE A 383 9.72 -15.37 13.35
C PHE A 383 10.38 -16.15 12.22
N SER A 384 11.66 -15.88 11.98
CA SER A 384 12.43 -16.56 10.96
C SER A 384 13.51 -17.41 11.61
N ASP A 385 14.08 -18.31 10.82
CA ASP A 385 15.21 -19.14 11.23
CA ASP A 385 15.21 -19.14 11.23
C ASP A 385 14.95 -19.85 12.56
N LEU A 386 13.77 -20.44 12.68
CA LEU A 386 13.45 -21.26 13.85
C LEU A 386 13.85 -22.70 13.55
N THR A 387 14.32 -23.41 14.58
CA THR A 387 14.84 -24.76 14.41
C THR A 387 13.83 -25.81 14.88
N ASN A 388 13.60 -26.80 14.02
CA ASN A 388 12.88 -28.02 14.40
C ASN A 388 13.89 -29.00 14.97
N LYS A 389 13.80 -29.27 16.26
CA LYS A 389 14.75 -30.19 16.90
C LYS A 389 14.66 -31.59 16.34
N GLU A 390 13.52 -31.98 15.76
CA GLU A 390 13.33 -33.33 15.22
C GLU A 390 13.51 -33.38 13.72
N GLY A 391 14.00 -32.30 13.11
CA GLY A 391 14.23 -32.30 11.68
C GLY A 391 15.51 -33.05 11.32
N LYS A 392 15.45 -33.81 10.24
CA LYS A 392 16.58 -34.59 9.77
C LYS A 392 17.08 -34.15 8.40
N LYS A 393 16.18 -33.77 7.50
CA LYS A 393 16.57 -33.23 6.21
C LYS A 393 16.62 -31.70 6.26
N PRO A 394 17.45 -31.10 5.40
CA PRO A 394 17.59 -29.63 5.42
C PRO A 394 16.27 -28.89 5.30
N GLU A 395 15.33 -29.38 4.50
CA GLU A 395 14.05 -28.71 4.35
C GLU A 395 13.16 -28.89 5.57
N GLU A 396 13.54 -29.78 6.50
CA GLU A 396 12.84 -29.95 7.76
C GLU A 396 13.53 -29.25 8.91
N LYS A 397 14.80 -28.87 8.72
CA LYS A 397 15.60 -28.32 9.82
C LYS A 397 15.06 -26.98 10.31
N THR A 398 14.75 -26.08 9.39
N THR A 398 14.76 -26.07 9.39
CA THR A 398 14.38 -24.71 9.72
CA THR A 398 14.38 -24.71 9.75
C THR A 398 12.96 -24.41 9.25
C THR A 398 12.98 -24.38 9.24
N TYR A 399 12.26 -23.58 10.02
CA TYR A 399 10.94 -23.12 9.66
C TYR A 399 10.77 -21.66 10.06
N ALA A 400 9.64 -21.09 9.65
CA ALA A 400 9.30 -19.72 9.95
C ALA A 400 7.81 -19.63 10.20
N LEU A 401 7.42 -18.60 10.95
CA LEU A 401 6.02 -18.33 11.25
C LEU A 401 5.74 -16.87 10.92
N PHE A 402 4.62 -16.63 10.23
CA PHE A 402 4.33 -15.31 9.71
C PHE A 402 2.82 -15.13 9.71
N ILE A 403 2.34 -14.05 10.32
CA ILE A 403 0.92 -13.74 10.35
C ILE A 403 0.72 -12.28 9.99
N GLY A 404 -0.40 -11.99 9.35
CA GLY A 404 -0.67 -10.64 8.88
C GLY A 404 -2.14 -10.36 8.69
N ASP A 405 -2.59 -9.18 9.11
CA ASP A 405 -3.98 -8.79 8.97
C ASP A 405 -4.08 -7.33 8.57
N THR A 406 -5.22 -6.97 7.99
CA THR A 406 -5.56 -5.58 7.72
C THR A 406 -6.40 -5.06 8.87
N VAL A 407 -6.02 -3.90 9.43
CA VAL A 407 -6.67 -3.38 10.63
C VAL A 407 -6.93 -1.88 10.50
N LEU A 408 -7.97 -1.42 11.20
CA LEU A 408 -8.39 -0.03 11.20
C LEU A 408 -8.08 0.59 12.57
N VAL A 409 -7.32 1.67 12.55
CA VAL A 409 -6.98 2.38 13.79
C VAL A 409 -8.23 3.04 14.36
N ASP A 410 -8.42 2.87 15.66
CA ASP A 410 -9.55 3.45 16.38
C ASP A 410 -9.01 4.38 17.46
N GLU A 411 -9.91 4.98 18.22
CA GLU A 411 -9.57 5.78 19.38
C GLU A 411 -10.19 5.12 20.61
N ASP A 412 -9.37 4.75 21.58
CA ASP A 412 -9.84 4.13 22.81
C ASP A 412 -10.75 2.93 22.51
N GLY A 413 -10.13 1.83 22.07
CA GLY A 413 -8.70 1.69 21.98
C GLY A 413 -8.26 0.73 20.89
N PRO A 414 -8.39 -0.58 21.15
CA PRO A 414 -7.80 -1.59 20.24
C PRO A 414 -8.27 -1.48 18.80
N ALA A 415 -7.34 -1.70 17.88
CA ALA A 415 -7.63 -1.58 16.45
C ALA A 415 -8.57 -2.69 16.00
N THR A 416 -9.36 -2.40 14.96
CA THR A 416 -10.35 -3.33 14.44
C THR A 416 -9.77 -4.12 13.27
N VAL A 417 -9.90 -5.43 13.32
CA VAL A 417 -9.42 -6.30 12.26
C VAL A 417 -10.44 -6.33 11.14
N LEU A 418 -10.00 -6.05 9.91
CA LEU A 418 -10.87 -6.02 8.75
C LEU A 418 -10.83 -7.31 7.94
N THR A 419 -9.72 -8.04 7.99
CA THR A 419 -9.68 -9.37 7.40
C THR A 419 -10.42 -10.35 8.30
N SER A 420 -10.87 -11.46 7.70
CA SER A 420 -11.71 -12.41 8.41
C SER A 420 -11.28 -13.84 8.04
N VAL A 421 -10.08 -14.22 8.48
CA VAL A 421 -9.56 -15.56 8.29
C VAL A 421 -9.12 -16.06 9.65
N LYS A 422 -9.81 -17.10 10.16
CA LYS A 422 -9.46 -17.66 11.45
C LYS A 422 -8.00 -18.11 11.44
N LYS A 423 -7.33 -17.96 12.57
CA LYS A 423 -5.90 -18.25 12.63
C LYS A 423 -5.48 -19.01 13.90
N LYS A 424 -6.43 -19.55 14.67
CA LYS A 424 -6.04 -20.46 15.74
C LYS A 424 -5.43 -21.71 15.11
N VAL A 425 -4.66 -22.45 15.92
CA VAL A 425 -3.98 -23.62 15.38
C VAL A 425 -4.95 -24.57 14.70
N LYS A 426 -6.13 -24.75 15.29
CA LYS A 426 -7.08 -25.68 14.71
C LYS A 426 -7.58 -25.21 13.34
N ASN A 427 -7.44 -23.92 13.04
CA ASN A 427 -7.88 -23.37 11.76
C ASN A 427 -6.77 -23.30 10.73
N VAL A 428 -5.51 -23.25 11.14
CA VAL A 428 -4.39 -23.15 10.21
C VAL A 428 -3.51 -24.39 10.24
N GLY A 429 -3.77 -25.34 11.14
CA GLY A 429 -3.05 -26.59 11.09
C GLY A 429 -3.61 -27.47 9.98
N ILE A 430 -2.71 -28.15 9.27
CA ILE A 430 -3.09 -29.14 8.27
C ILE A 430 -2.82 -30.49 8.90
N PHE A 431 -3.86 -31.13 9.41
CA PHE A 431 -3.70 -32.32 10.23
C PHE A 431 -3.96 -33.57 9.41
N LEU A 432 -3.35 -34.68 9.85
CA LEU A 432 -3.57 -35.97 9.23
C LEU A 432 -5.06 -36.26 9.09
N LYS A 433 -5.84 -35.90 10.11
CA LYS A 433 -7.28 -36.17 10.09
C LYS A 433 -7.95 -35.48 8.92
N ASN A 434 -7.60 -34.22 8.68
CA ASN A 434 -8.35 -33.34 7.78
C ASN A 434 -9.81 -33.20 8.20
C1 EDO B . -2.08 4.97 4.89
O1 EDO B . -2.74 5.71 3.85
C2 EDO B . -3.06 4.78 6.04
O2 EDO B . -4.23 4.17 5.50
H11 EDO B . -1.19 5.50 5.23
H12 EDO B . -1.77 3.99 4.51
HO1 EDO B . -2.13 5.84 3.11
H21 EDO B . -3.30 5.75 6.49
H22 EDO B . -2.62 4.15 6.81
HO2 EDO B . -4.88 4.04 6.20
C1 EDO C . -11.11 7.44 -5.58
O1 EDO C . -10.29 8.53 -5.12
C2 EDO C . -11.78 6.73 -4.41
O2 EDO C . -11.56 7.42 -3.17
H11 EDO C . -10.49 6.74 -6.13
H12 EDO C . -11.86 7.83 -6.26
HO1 EDO C . -9.88 8.97 -5.88
H21 EDO C . -11.38 5.72 -4.34
H22 EDO C . -12.85 6.66 -4.61
HO2 EDO C . -12.01 6.94 -2.46
C1 EDO D . 4.09 -4.24 -3.25
O1 EDO D . 4.70 -3.85 -4.49
C2 EDO D . 4.85 -5.41 -2.65
O2 EDO D . 6.22 -5.04 -2.48
H11 EDO D . 4.10 -3.39 -2.56
H12 EDO D . 3.05 -4.52 -3.43
HO1 EDO D . 4.22 -3.11 -4.88
H21 EDO D . 4.40 -5.68 -1.70
H22 EDO D . 4.78 -6.27 -3.32
HO2 EDO D . 6.70 -5.80 -2.10
C1 EDO E . -3.29 14.64 -27.66
O1 EDO E . -3.37 16.01 -27.24
C2 EDO E . -1.84 14.19 -27.80
O2 EDO E . -1.10 14.60 -26.65
H11 EDO E . -3.80 14.00 -26.94
H12 EDO E . -3.80 14.52 -28.63
HO1 EDO E . -4.30 16.26 -27.16
H21 EDO E . -1.79 13.10 -27.90
H22 EDO E . -1.40 14.64 -28.70
HO2 EDO E . -0.18 14.32 -26.75
C1 EDO F . 1.88 16.61 7.54
O1 EDO F . 0.69 17.39 7.52
C2 EDO F . 2.48 16.58 8.94
O2 EDO F . 3.69 15.81 8.96
H11 EDO F . 1.67 15.58 7.22
H12 EDO F . 2.62 17.03 6.85
HO1 EDO F . 0.32 17.40 6.63
H21 EDO F . 1.77 16.14 9.64
H22 EDO F . 2.70 17.60 9.28
HO2 EDO F . 4.06 15.80 9.85
C1 EDO G . -10.70 -25.07 -4.30
O1 EDO G . -11.65 -26.12 -4.13
C2 EDO G . -9.30 -25.64 -4.11
O2 EDO G . -9.05 -26.63 -5.10
H11 EDO G . -10.79 -24.65 -5.31
H12 EDO G . -10.89 -24.27 -3.58
HO1 EDO G . -12.55 -25.77 -4.25
H21 EDO G . -8.56 -24.83 -4.18
H22 EDO G . -9.21 -26.08 -3.11
HO2 EDO G . -8.16 -26.99 -4.99
C1 EDO H . 12.50 -17.83 -0.98
O1 EDO H . 12.09 -16.50 -1.29
C2 EDO H . 13.58 -17.79 0.09
O2 EDO H . 14.35 -16.59 -0.09
H11 EDO H . 12.89 -18.31 -1.88
H12 EDO H . 11.65 -18.41 -0.62
HO1 EDO H . 11.40 -16.52 -1.97
H21 EDO H . 13.12 -17.80 1.07
H22 EDO H . 14.23 -18.66 -0.01
HO2 EDO H . 15.04 -16.56 0.58
C1 EDO I . -11.22 12.32 6.54
O1 EDO I . -12.64 12.19 6.61
C2 EDO I . -10.75 13.30 7.60
O2 EDO I . -9.36 13.58 7.42
H11 EDO I . -10.75 11.34 6.70
H12 EDO I . -10.93 12.68 5.55
HO1 EDO I . -12.95 11.56 5.94
H21 EDO I . -11.33 14.23 7.52
H22 EDO I . -10.92 12.88 8.59
HO2 EDO I . -9.06 14.21 8.09
C1 EDO J . -16.03 6.00 -2.86
O1 EDO J . -16.98 6.65 -2.03
C2 EDO J . -14.63 6.44 -2.46
O2 EDO J . -14.66 7.85 -2.29
H11 EDO J . -16.19 6.27 -3.92
H12 EDO J . -16.12 4.92 -2.77
HO1 EDO J . -17.87 6.38 -2.29
H21 EDO J . -14.35 5.95 -1.52
H22 EDO J . -13.90 6.17 -3.22
HO2 EDO J . -13.78 8.17 -2.02
C1 GOL K . 1.35 -1.08 -9.49
O1 GOL K . 1.88 -2.04 -10.39
C2 GOL K . 1.59 0.32 -10.04
O2 GOL K . 2.94 0.36 -10.43
C3 GOL K . 1.33 1.41 -8.98
O3 GOL K . 0.14 2.05 -9.24
H11 GOL K . 1.81 -1.18 -8.51
H12 GOL K . 0.27 -1.25 -9.36
HO1 GOL K . 1.78 -2.94 -10.01
H2 GOL K . 0.95 0.47 -10.90
HO2 GOL K . 3.15 1.24 -10.80
H31 GOL K . 2.15 2.13 -9.00
H32 GOL K . 1.30 0.96 -7.99
HO3 GOL K . 0.10 2.89 -8.75
#